data_8SRT
#
_entry.id   8SRT
#
_cell.length_a   54.985
_cell.length_b   96.038
_cell.length_c   58.597
_cell.angle_alpha   90.000
_cell.angle_beta   112.310
_cell.angle_gamma   90.000
#
_symmetry.space_group_name_H-M   'P 1 21 1'
#
loop_
_entity.id
_entity.type
_entity.pdbx_description
1 polymer 'Cysteine synthase'
2 water water
#
_entity_poly.entity_id   1
_entity_poly.type   'polypeptide(L)'
_entity_poly.pdbx_seq_one_letter_code
;MGHHHHHHMAQKPVDNITQIIGGTPVVKLRNVVDDNAADVYVKLEYQNPGGSV(LLP)DRIALAMIEKAEREGKIKPGDT
IVEPTSGNTGIGLAFVCAAKGYKAVFTMPETMSQERRNLLKAYGAELVLTPGSEAMKGAIKKAKELKEEHGYFEPQQFEN
PANPEVHELTTGPELLQQFEGKTIDAFLAGVGTGGTLSGVGKVLKKEYPNIEIVAIEPEASPVLSGGEPGPHKLQGLGAG
FIPGTLNTEIYDSIIKVGNDTAMEMSRRVAKEEGILAGISSGAAIYAAIQKAKELGKGKTVVTVLPSNGERYLSTPLYSF
DD
;
_entity_poly.pdbx_strand_id   A,B
#
# COMPACT_ATOMS: atom_id res chain seq x y z
N ALA A 10 0.15 17.73 1.01
CA ALA A 10 0.85 16.81 1.90
C ALA A 10 0.61 17.15 3.35
N GLN A 11 0.33 16.11 4.14
CA GLN A 11 0.02 16.28 5.56
C GLN A 11 1.27 16.60 6.36
N LYS A 12 1.09 17.42 7.40
CA LYS A 12 2.18 17.72 8.32
C LYS A 12 2.60 16.45 9.06
N PRO A 13 3.83 16.40 9.59
CA PRO A 13 4.30 15.19 10.24
C PRO A 13 3.41 14.78 11.41
N VAL A 14 3.20 13.47 11.55
CA VAL A 14 2.45 12.90 12.66
C VAL A 14 3.42 12.10 13.53
N ASP A 15 3.09 12.01 14.82
CA ASP A 15 3.93 11.27 15.74
C ASP A 15 3.75 9.75 15.65
N ASN A 16 2.65 9.29 15.07
CA ASN A 16 2.34 7.86 15.10
C ASN A 16 1.66 7.46 13.81
N ILE A 17 2.07 6.31 13.28
CA ILE A 17 1.58 5.85 11.98
C ILE A 17 0.06 5.65 11.97
N THR A 18 -0.55 5.34 13.12
CA THR A 18 -1.99 5.14 13.15
C THR A 18 -2.76 6.41 12.83
N GLN A 19 -2.12 7.58 12.96
CA GLN A 19 -2.74 8.85 12.57
C GLN A 19 -2.93 8.96 11.07
N ILE A 20 -2.34 8.05 10.28
CA ILE A 20 -2.54 8.02 8.83
C ILE A 20 -3.76 7.19 8.45
N ILE A 21 -4.32 6.41 9.37
CA ILE A 21 -5.46 5.57 9.06
C ILE A 21 -6.66 6.45 8.71
N GLY A 22 -7.28 6.17 7.57
CA GLY A 22 -8.46 6.92 7.14
C GLY A 22 -8.10 7.99 6.13
N GLY A 23 -9.12 8.73 5.73
CA GLY A 23 -8.96 9.76 4.72
C GLY A 23 -8.57 9.21 3.36
N THR A 24 -9.15 8.07 2.99
CA THR A 24 -8.74 7.38 1.78
C THR A 24 -9.36 8.03 0.53
N PRO A 25 -8.69 7.94 -0.61
CA PRO A 25 -9.17 8.62 -1.82
C PRO A 25 -10.22 7.81 -2.57
N VAL A 26 -10.84 8.48 -3.53
CA VAL A 26 -11.89 7.92 -4.39
C VAL A 26 -11.52 8.19 -5.84
N VAL A 27 -11.71 7.17 -6.69
CA VAL A 27 -11.32 7.25 -8.10
C VAL A 27 -12.54 6.91 -8.96
N LYS A 28 -12.80 7.74 -9.97
CA LYS A 28 -13.86 7.44 -10.92
C LYS A 28 -13.37 6.41 -11.93
N LEU A 29 -14.18 5.39 -12.18
CA LEU A 29 -13.83 4.37 -13.15
C LEU A 29 -14.07 4.88 -14.56
N ARG A 30 -13.17 4.54 -15.48
CA ARG A 30 -13.19 5.14 -16.82
C ARG A 30 -13.45 4.14 -17.94
N ASN A 31 -12.92 2.93 -17.86
CA ASN A 31 -12.92 2.02 -19.00
C ASN A 31 -13.74 0.76 -18.82
N VAL A 32 -13.85 0.24 -17.58
CA VAL A 32 -14.62 -0.99 -17.38
C VAL A 32 -16.12 -0.73 -17.29
N VAL A 33 -16.54 0.54 -17.27
CA VAL A 33 -17.94 0.93 -17.20
C VAL A 33 -18.33 1.48 -18.56
N ASP A 34 -19.44 1.00 -19.11
CA ASP A 34 -19.96 1.57 -20.36
C ASP A 34 -20.41 3.00 -20.12
N ASP A 35 -20.14 3.86 -21.10
CA ASP A 35 -20.54 5.26 -20.99
C ASP A 35 -22.06 5.43 -20.95
N ASN A 36 -22.82 4.39 -21.28
CA ASN A 36 -24.28 4.45 -21.17
C ASN A 36 -24.77 4.25 -19.74
N ALA A 37 -23.91 3.83 -18.83
CA ALA A 37 -24.30 3.48 -17.47
C ALA A 37 -24.01 4.63 -16.52
N ALA A 38 -24.40 4.45 -15.26
CA ALA A 38 -24.12 5.44 -14.24
C ALA A 38 -22.61 5.52 -14.00
N ASP A 39 -22.19 6.65 -13.42
CA ASP A 39 -20.81 6.80 -12.98
C ASP A 39 -20.54 5.81 -11.85
N VAL A 40 -19.33 5.27 -11.80
CA VAL A 40 -18.91 4.35 -10.75
C VAL A 40 -17.65 4.90 -10.10
N TYR A 41 -17.66 5.02 -8.78
CA TYR A 41 -16.54 5.52 -8.00
C TYR A 41 -16.12 4.46 -7.01
N VAL A 42 -14.81 4.34 -6.76
CA VAL A 42 -14.28 3.33 -5.85
C VAL A 42 -13.45 4.03 -4.78
N LYS A 43 -13.67 3.65 -3.53
CA LYS A 43 -12.90 4.16 -2.40
C LYS A 43 -11.77 3.19 -2.10
N LEU A 44 -10.53 3.70 -2.12
CA LEU A 44 -9.35 2.85 -2.05
C LEU A 44 -8.96 2.64 -0.57
N GLU A 45 -9.62 1.67 0.05
CA GLU A 45 -9.31 1.41 1.45
C GLU A 45 -7.95 0.76 1.63
N TYR A 46 -7.38 0.20 0.56
CA TYR A 46 -6.03 -0.32 0.66
C TYR A 46 -4.98 0.79 0.77
N GLN A 47 -5.39 2.05 0.66
CA GLN A 47 -4.46 3.15 0.89
C GLN A 47 -4.25 3.43 2.37
N ASN A 48 -4.99 2.79 3.25
CA ASN A 48 -4.67 2.81 4.66
C ASN A 48 -3.25 2.28 4.86
N PRO A 49 -2.54 2.77 5.89
CA PRO A 49 -1.10 2.47 6.01
C PRO A 49 -0.81 1.00 6.23
N GLY A 50 -1.73 0.24 6.80
CA GLY A 50 -1.56 -1.19 6.95
C GLY A 50 -2.01 -2.04 5.79
N GLY A 51 -2.60 -1.43 4.76
CA GLY A 51 -2.90 -2.13 3.53
C GLY A 51 -4.34 -2.50 3.28
N SER A 52 -5.26 -2.25 4.22
CA SER A 52 -6.62 -2.66 4.00
C SER A 52 -7.58 -1.84 4.86
N VAL A 53 -8.87 -2.00 4.57
CA VAL A 53 -9.95 -1.42 5.35
C VAL A 53 -9.87 -1.80 6.83
N ASP A 55 -7.54 -1.83 8.86
CA ASP A 55 -6.85 -0.81 9.66
C ASP A 55 -7.82 -0.06 10.55
N ARG A 56 -8.97 0.31 9.98
CA ARG A 56 -9.92 1.15 10.70
C ARG A 56 -10.49 0.45 11.92
N ILE A 57 -10.91 -0.80 11.76
CA ILE A 57 -11.54 -1.46 12.91
C ILE A 57 -10.48 -1.96 13.89
N ALA A 58 -9.27 -2.26 13.43
CA ALA A 58 -8.21 -2.63 14.36
C ALA A 58 -7.92 -1.48 15.31
N LEU A 59 -7.80 -0.26 14.77
CA LEU A 59 -7.60 0.91 15.63
C LEU A 59 -8.80 1.17 16.53
N ALA A 60 -10.02 1.11 15.97
CA ALA A 60 -11.21 1.42 16.75
C ALA A 60 -11.41 0.43 17.89
N MET A 61 -11.14 -0.85 17.62
CA MET A 61 -11.32 -1.89 18.63
C MET A 61 -10.34 -1.71 19.78
N ILE A 62 -9.08 -1.40 19.47
CA ILE A 62 -8.07 -1.14 20.49
C ILE A 62 -8.37 0.15 21.23
N GLU A 63 -8.76 1.21 20.50
CA GLU A 63 -9.06 2.49 21.16
C GLU A 63 -10.22 2.37 22.11
N LYS A 64 -11.27 1.66 21.71
CA LYS A 64 -12.43 1.52 22.58
C LYS A 64 -12.09 0.74 23.84
N ALA A 65 -11.32 -0.34 23.70
CA ALA A 65 -10.91 -1.11 24.87
C ALA A 65 -10.04 -0.28 25.82
N GLU A 66 -9.18 0.59 25.26
CA GLU A 66 -8.43 1.54 26.08
C GLU A 66 -9.35 2.43 26.89
N ARG A 67 -10.21 3.18 26.17
CA ARG A 67 -11.17 4.08 26.80
C ARG A 67 -11.88 3.42 27.98
N GLU A 68 -12.29 2.18 27.79
CA GLU A 68 -13.11 1.47 28.76
C GLU A 68 -12.26 0.76 29.81
N GLY A 69 -10.95 0.97 29.80
CA GLY A 69 -10.07 0.37 30.78
C GLY A 69 -9.90 -1.12 30.67
N LYS A 70 -10.34 -1.73 29.58
CA LYS A 70 -10.17 -3.18 29.44
C LYS A 70 -8.74 -3.56 29.10
N ILE A 71 -7.99 -2.67 28.44
CA ILE A 71 -6.57 -2.88 28.20
C ILE A 71 -5.83 -1.58 28.44
N LYS A 72 -4.52 -1.71 28.64
CA LYS A 72 -3.57 -0.60 28.71
C LYS A 72 -2.34 -1.02 27.93
N PRO A 73 -1.63 -0.06 27.33
CA PRO A 73 -0.43 -0.41 26.56
C PRO A 73 0.51 -1.30 27.38
N GLY A 74 1.06 -2.31 26.70
CA GLY A 74 1.72 -3.42 27.34
C GLY A 74 0.87 -4.67 27.44
N ASP A 75 -0.45 -4.53 27.42
CA ASP A 75 -1.34 -5.68 27.52
C ASP A 75 -1.32 -6.52 26.25
N THR A 76 -1.86 -7.72 26.36
CA THR A 76 -1.86 -8.71 25.30
C THR A 76 -3.26 -8.89 24.73
N ILE A 77 -3.32 -9.03 23.40
CA ILE A 77 -4.56 -9.16 22.63
C ILE A 77 -4.55 -10.52 21.95
N VAL A 78 -5.73 -11.13 21.80
CA VAL A 78 -5.87 -12.38 21.05
C VAL A 78 -7.04 -12.26 20.09
N GLU A 79 -6.85 -12.75 18.86
CA GLU A 79 -7.93 -12.81 17.90
C GLU A 79 -7.71 -14.05 17.03
N PRO A 80 -8.78 -14.80 16.72
CA PRO A 80 -8.63 -15.98 15.84
C PRO A 80 -8.78 -15.60 14.37
N THR A 81 -7.70 -15.07 13.80
CA THR A 81 -7.72 -14.68 12.40
C THR A 81 -6.30 -14.66 11.88
N SER A 82 -6.18 -14.88 10.57
CA SER A 82 -4.92 -14.71 9.86
C SER A 82 -5.07 -13.80 8.65
N GLY A 83 -6.26 -13.26 8.39
CA GLY A 83 -6.51 -12.41 7.25
C GLY A 83 -6.20 -10.95 7.53
N ASN A 84 -6.96 -10.06 6.87
CA ASN A 84 -6.63 -8.65 6.93
C ASN A 84 -6.87 -8.06 8.32
N THR A 85 -7.81 -8.62 9.09
CA THR A 85 -8.00 -8.12 10.45
C THR A 85 -6.81 -8.45 11.34
N GLY A 86 -6.22 -9.64 11.16
CA GLY A 86 -5.01 -9.97 11.91
C GLY A 86 -3.85 -9.06 11.56
N ILE A 87 -3.68 -8.76 10.27
CA ILE A 87 -2.64 -7.83 9.85
C ILE A 87 -2.89 -6.45 10.45
N GLY A 88 -4.13 -5.98 10.36
CA GLY A 88 -4.47 -4.69 10.94
C GLY A 88 -4.22 -4.63 12.43
N LEU A 89 -4.59 -5.69 13.15
CA LEU A 89 -4.35 -5.71 14.59
C LEU A 89 -2.87 -5.77 14.91
N ALA A 90 -2.09 -6.57 14.16
CA ALA A 90 -0.66 -6.62 14.38
C ALA A 90 -0.03 -5.26 14.14
N PHE A 91 -0.44 -4.60 13.06
CA PHE A 91 0.06 -3.26 12.74
C PHE A 91 -0.29 -2.27 13.84
N VAL A 92 -1.57 -2.21 14.23
CA VAL A 92 -2.01 -1.23 15.22
C VAL A 92 -1.36 -1.53 16.58
N CYS A 93 -1.25 -2.81 16.94
CA CYS A 93 -0.64 -3.16 18.22
C CYS A 93 0.84 -2.79 18.25
N ALA A 94 1.56 -3.04 17.16
CA ALA A 94 2.95 -2.60 17.09
C ALA A 94 3.05 -1.08 17.21
N ALA A 95 2.13 -0.37 16.54
CA ALA A 95 2.19 1.09 16.57
C ALA A 95 1.79 1.68 17.92
N LYS A 96 0.91 1.01 18.66
CA LYS A 96 0.42 1.56 19.92
C LYS A 96 1.01 0.88 21.15
N GLY A 97 1.89 -0.11 20.98
CA GLY A 97 2.56 -0.69 22.12
C GLY A 97 1.81 -1.81 22.79
N TYR A 98 1.06 -2.60 22.04
CA TYR A 98 0.36 -3.78 22.55
C TYR A 98 1.01 -5.04 22.01
N LYS A 99 0.84 -6.12 22.73
CA LYS A 99 1.27 -7.44 22.29
C LYS A 99 0.08 -8.15 21.64
N ALA A 100 0.28 -8.62 20.42
CA ALA A 100 -0.77 -9.28 19.66
C ALA A 100 -0.47 -10.77 19.58
N VAL A 101 -1.46 -11.59 19.88
CA VAL A 101 -1.40 -13.04 19.71
C VAL A 101 -2.53 -13.44 18.77
N PHE A 102 -2.21 -14.25 17.77
CA PHE A 102 -3.20 -14.72 16.81
C PHE A 102 -3.21 -16.24 16.79
N THR A 103 -4.40 -16.82 16.85
CA THR A 103 -4.55 -18.25 16.69
C THR A 103 -5.02 -18.55 15.27
N MET A 104 -4.47 -19.59 14.68
CA MET A 104 -4.78 -19.97 13.31
C MET A 104 -4.40 -21.42 13.12
N PRO A 105 -5.02 -22.11 12.16
CA PRO A 105 -4.58 -23.48 11.86
C PRO A 105 -3.16 -23.51 11.32
N GLU A 106 -2.46 -24.61 11.61
CA GLU A 106 -1.08 -24.77 11.16
C GLU A 106 -0.94 -24.78 9.65
N THR A 107 -2.04 -24.85 8.90
CA THR A 107 -2.00 -24.87 7.45
C THR A 107 -1.85 -23.49 6.83
N MET A 108 -1.81 -22.43 7.63
CA MET A 108 -1.71 -21.08 7.11
C MET A 108 -0.33 -20.83 6.50
N SER A 109 -0.31 -20.00 5.46
CA SER A 109 0.89 -19.84 4.64
C SER A 109 2.04 -19.22 5.43
N GLN A 110 3.27 -19.57 5.01
CA GLN A 110 4.48 -19.00 5.58
C GLN A 110 4.59 -17.49 5.33
N GLU A 111 4.16 -17.04 4.15
CA GLU A 111 4.23 -15.61 3.85
C GLU A 111 3.37 -14.80 4.80
N ARG A 112 2.17 -15.30 5.12
CA ARG A 112 1.29 -14.58 6.03
C ARG A 112 1.77 -14.65 7.47
N ARG A 113 2.39 -15.77 7.86
CA ARG A 113 2.99 -15.84 9.19
C ARG A 113 4.12 -14.84 9.34
N ASN A 114 4.97 -14.70 8.31
CA ASN A 114 6.05 -13.73 8.36
C ASN A 114 5.51 -12.31 8.51
N LEU A 115 4.47 -11.98 7.76
CA LEU A 115 3.92 -10.62 7.83
C LEU A 115 3.40 -10.31 9.22
N LEU A 116 2.69 -11.25 9.84
CA LEU A 116 2.24 -11.04 11.21
C LEU A 116 3.42 -10.99 12.18
N LYS A 117 4.40 -11.88 12.00
CA LYS A 117 5.57 -11.88 12.87
C LYS A 117 6.43 -10.65 12.66
N ALA A 118 6.41 -10.07 11.46
CA ALA A 118 7.19 -8.86 11.20
C ALA A 118 6.76 -7.74 12.14
N TYR A 119 5.47 -7.65 12.45
CA TYR A 119 4.97 -6.65 13.39
C TYR A 119 5.16 -7.03 14.84
N GLY A 120 5.84 -8.14 15.13
CA GLY A 120 6.07 -8.56 16.49
C GLY A 120 4.97 -9.39 17.12
N ALA A 121 3.98 -9.81 16.34
CA ALA A 121 2.91 -10.62 16.87
C ALA A 121 3.39 -12.05 17.12
N GLU A 122 2.77 -12.71 18.09
CA GLU A 122 3.04 -14.12 18.39
C GLU A 122 1.92 -14.98 17.83
N LEU A 123 2.29 -16.10 17.23
CA LEU A 123 1.33 -16.99 16.58
C LEU A 123 1.13 -18.24 17.42
N VAL A 124 -0.12 -18.63 17.62
CA VAL A 124 -0.50 -19.86 18.29
C VAL A 124 -1.18 -20.74 17.26
N LEU A 125 -0.49 -21.78 16.80
CA LEU A 125 -1.00 -22.62 15.72
C LEU A 125 -1.88 -23.71 16.30
N THR A 126 -3.04 -23.91 15.67
CA THR A 126 -4.02 -24.90 16.07
C THR A 126 -4.10 -26.04 15.07
N PRO A 127 -4.62 -27.20 15.46
CA PRO A 127 -4.58 -28.38 14.57
C PRO A 127 -5.24 -28.09 13.22
N GLY A 128 -4.55 -28.53 12.16
CA GLY A 128 -4.96 -28.16 10.81
C GLY A 128 -6.32 -28.69 10.43
N SER A 129 -6.66 -29.90 10.89
CA SER A 129 -7.95 -30.48 10.55
C SER A 129 -9.09 -29.75 11.25
N GLU A 130 -8.80 -29.14 12.41
CA GLU A 130 -9.82 -28.39 13.14
C GLU A 130 -10.13 -27.05 12.49
N ALA A 131 -9.28 -26.58 11.57
CA ALA A 131 -9.51 -25.38 10.78
C ALA A 131 -9.82 -24.16 11.65
N MET A 132 -10.77 -23.33 11.20
CA MET A 132 -11.09 -22.10 11.92
C MET A 132 -11.68 -22.39 13.29
N LYS A 133 -12.51 -23.43 13.41
CA LYS A 133 -13.12 -23.74 14.69
C LYS A 133 -12.08 -24.02 15.76
N GLY A 134 -10.95 -24.63 15.38
CA GLY A 134 -9.89 -24.86 16.34
C GLY A 134 -9.23 -23.56 16.79
N ALA A 135 -9.07 -22.61 15.87
CA ALA A 135 -8.49 -21.33 16.24
C ALA A 135 -9.40 -20.56 17.18
N ILE A 136 -10.71 -20.59 16.94
CA ILE A 136 -11.66 -19.90 17.81
C ILE A 136 -11.62 -20.49 19.21
N LYS A 137 -11.57 -21.82 19.32
CA LYS A 137 -11.57 -22.47 20.62
C LYS A 137 -10.34 -22.05 21.44
N LYS A 138 -9.16 -22.06 20.81
CA LYS A 138 -7.96 -21.66 21.53
C LYS A 138 -8.06 -20.21 21.97
N ALA A 139 -8.61 -19.35 21.11
CA ALA A 139 -8.77 -17.94 21.47
C ALA A 139 -9.72 -17.78 22.65
N LYS A 140 -10.83 -18.53 22.66
CA LYS A 140 -11.74 -18.47 23.79
C LYS A 140 -11.04 -18.93 25.07
N GLU A 141 -10.16 -19.93 24.96
CA GLU A 141 -9.42 -20.40 26.12
C GLU A 141 -8.50 -19.31 26.67
N LEU A 142 -7.78 -18.61 25.78
CA LEU A 142 -6.89 -17.55 26.23
C LEU A 142 -7.68 -16.38 26.81
N LYS A 143 -8.86 -16.09 26.28
CA LYS A 143 -9.69 -15.03 26.82
C LYS A 143 -10.26 -15.40 28.18
N GLU A 144 -10.83 -16.61 28.30
CA GLU A 144 -11.56 -16.99 29.49
C GLU A 144 -10.68 -17.53 30.61
N GLU A 145 -9.57 -18.19 30.27
CA GLU A 145 -8.71 -18.80 31.27
C GLU A 145 -7.41 -18.04 31.49
N HIS A 146 -7.09 -17.05 30.67
CA HIS A 146 -5.84 -16.31 30.81
C HIS A 146 -6.01 -14.79 30.75
N GLY A 147 -7.23 -14.29 30.57
CA GLY A 147 -7.47 -12.87 30.65
C GLY A 147 -6.99 -12.07 29.46
N TYR A 148 -6.70 -12.72 28.34
CA TYR A 148 -6.39 -11.99 27.12
C TYR A 148 -7.62 -11.22 26.66
N PHE A 149 -7.39 -10.04 26.07
CA PHE A 149 -8.49 -9.29 25.48
C PHE A 149 -8.76 -9.79 24.06
N GLU A 150 -10.01 -10.14 23.79
CA GLU A 150 -10.44 -10.57 22.48
C GLU A 150 -11.22 -9.46 21.79
N PRO A 151 -10.71 -8.83 20.72
CA PRO A 151 -11.50 -7.80 20.03
C PRO A 151 -12.84 -8.31 19.51
N GLN A 152 -12.87 -9.49 18.89
CA GLN A 152 -14.10 -10.07 18.33
C GLN A 152 -14.64 -9.25 17.18
N GLN A 153 -14.02 -9.37 15.99
CA GLN A 153 -14.37 -8.52 14.87
C GLN A 153 -15.78 -8.77 14.35
N PHE A 154 -16.35 -9.95 14.62
CA PHE A 154 -17.68 -10.26 14.12
C PHE A 154 -18.78 -9.88 15.12
N GLU A 155 -18.41 -9.32 16.27
CA GLU A 155 -19.40 -8.93 17.26
C GLU A 155 -19.16 -7.57 17.90
N ASN A 156 -17.98 -7.00 17.80
CA ASN A 156 -17.68 -5.75 18.49
C ASN A 156 -18.38 -4.58 17.81
N PRO A 157 -19.26 -3.85 18.50
CA PRO A 157 -19.93 -2.70 17.87
C PRO A 157 -18.98 -1.61 17.43
N ALA A 158 -17.75 -1.57 17.96
CA ALA A 158 -16.79 -0.58 17.50
C ALA A 158 -16.47 -0.73 16.03
N ASN A 159 -16.68 -1.93 15.47
CA ASN A 159 -16.45 -2.23 14.07
C ASN A 159 -17.42 -1.43 13.19
N PRO A 160 -18.74 -1.67 13.22
CA PRO A 160 -19.62 -0.84 12.37
C PRO A 160 -19.60 0.62 12.77
N GLU A 161 -19.31 0.92 14.05
CA GLU A 161 -19.36 2.31 14.51
C GLU A 161 -18.22 3.14 13.91
N VAL A 162 -17.04 2.57 13.71
CA VAL A 162 -15.96 3.38 13.16
C VAL A 162 -16.26 3.74 11.71
N HIS A 163 -16.99 2.88 11.00
CA HIS A 163 -17.38 3.23 9.64
C HIS A 163 -18.48 4.26 9.64
N GLU A 164 -19.32 4.25 10.67
CA GLU A 164 -20.31 5.30 10.87
C GLU A 164 -19.63 6.65 11.15
N LEU A 165 -18.49 6.63 11.84
CA LEU A 165 -17.83 7.87 12.22
C LEU A 165 -16.79 8.35 11.23
N THR A 166 -16.16 7.45 10.48
CA THR A 166 -15.04 7.86 9.63
C THR A 166 -15.30 7.55 8.15
N THR A 167 -15.42 6.28 7.78
CA THR A 167 -15.53 5.92 6.36
C THR A 167 -16.74 6.59 5.71
N GLY A 168 -17.90 6.50 6.35
CA GLY A 168 -19.12 7.09 5.84
C GLY A 168 -19.03 8.59 5.66
N PRO A 169 -18.71 9.32 6.74
CA PRO A 169 -18.59 10.78 6.61
C PRO A 169 -17.51 11.23 5.64
N GLU A 170 -16.44 10.44 5.45
CA GLU A 170 -15.48 10.75 4.39
C GLU A 170 -16.17 10.75 3.04
N LEU A 171 -16.99 9.72 2.77
CA LEU A 171 -17.75 9.69 1.53
C LEU A 171 -18.70 10.87 1.41
N LEU A 172 -19.29 11.31 2.53
CA LEU A 172 -20.16 12.47 2.49
C LEU A 172 -19.40 13.72 2.09
N GLN A 173 -18.19 13.90 2.64
CA GLN A 173 -17.37 15.03 2.24
C GLN A 173 -16.93 14.88 0.80
N GLN A 174 -16.58 13.67 0.39
CA GLN A 174 -16.09 13.43 -0.96
C GLN A 174 -17.18 13.63 -2.01
N PHE A 175 -18.45 13.45 -1.65
CA PHE A 175 -19.55 13.58 -2.60
C PHE A 175 -20.48 14.73 -2.20
N GLU A 176 -19.90 15.77 -1.61
CA GLU A 176 -20.65 16.96 -1.23
C GLU A 176 -21.32 17.60 -2.44
N GLY A 177 -22.63 17.84 -2.34
CA GLY A 177 -23.39 18.41 -3.42
C GLY A 177 -23.71 17.47 -4.55
N LYS A 178 -23.12 16.28 -4.56
CA LYS A 178 -23.45 15.23 -5.50
C LYS A 178 -24.25 14.18 -4.75
N THR A 179 -25.28 13.65 -5.39
CA THR A 179 -26.11 12.63 -4.75
C THR A 179 -25.58 11.26 -5.14
N ILE A 180 -25.50 10.37 -4.15
CA ILE A 180 -25.12 8.99 -4.39
C ILE A 180 -26.41 8.19 -4.54
N ASP A 181 -26.54 7.48 -5.65
CA ASP A 181 -27.77 6.74 -5.92
C ASP A 181 -27.72 5.32 -5.41
N ALA A 182 -26.54 4.73 -5.32
CA ALA A 182 -26.39 3.39 -4.74
C ALA A 182 -25.01 3.26 -4.12
N PHE A 183 -24.97 2.62 -2.95
CA PHE A 183 -23.71 2.23 -2.32
C PHE A 183 -23.70 0.72 -2.20
N LEU A 184 -22.61 0.10 -2.64
CA LEU A 184 -22.48 -1.34 -2.63
C LEU A 184 -21.23 -1.70 -1.85
N ALA A 185 -21.30 -2.76 -1.05
CA ALA A 185 -20.09 -3.21 -0.37
C ALA A 185 -20.18 -4.70 -0.16
N GLY A 186 -19.06 -5.39 -0.34
CA GLY A 186 -18.98 -6.77 0.07
C GLY A 186 -19.11 -6.89 1.57
N VAL A 187 -19.71 -7.99 2.01
CA VAL A 187 -19.97 -8.23 3.43
C VAL A 187 -18.99 -9.29 3.92
N GLY A 188 -18.05 -8.87 4.75
CA GLY A 188 -17.22 -9.75 5.54
C GLY A 188 -17.75 -9.82 6.95
N THR A 189 -17.32 -8.90 7.81
CA THR A 189 -18.01 -8.68 9.08
C THR A 189 -19.30 -7.90 8.90
N GLY A 190 -19.48 -7.24 7.76
CA GLY A 190 -20.61 -6.35 7.55
C GLY A 190 -20.46 -4.99 8.18
N GLY A 191 -19.34 -4.70 8.82
CA GLY A 191 -19.18 -3.42 9.48
C GLY A 191 -19.15 -2.26 8.49
N THR A 192 -18.47 -2.45 7.35
CA THR A 192 -18.42 -1.40 6.33
C THR A 192 -19.82 -1.10 5.80
N LEU A 193 -20.51 -2.12 5.30
CA LEU A 193 -21.84 -1.90 4.73
C LEU A 193 -22.79 -1.30 5.76
N SER A 194 -22.74 -1.80 7.00
CA SER A 194 -23.69 -1.36 8.01
C SER A 194 -23.44 0.07 8.45
N GLY A 195 -22.18 0.42 8.66
CA GLY A 195 -21.83 1.74 9.16
C GLY A 195 -21.83 2.82 8.09
N VAL A 196 -21.25 2.53 6.93
CA VAL A 196 -21.37 3.48 5.81
C VAL A 196 -22.82 3.58 5.37
N GLY A 197 -23.52 2.45 5.32
CA GLY A 197 -24.91 2.46 4.90
C GLY A 197 -25.78 3.34 5.77
N LYS A 198 -25.62 3.23 7.09
CA LYS A 198 -26.41 4.06 8.00
C LYS A 198 -26.21 5.53 7.73
N VAL A 199 -24.95 5.95 7.52
CA VAL A 199 -24.64 7.36 7.33
C VAL A 199 -25.13 7.84 5.96
N LEU A 200 -24.95 7.03 4.93
CA LEU A 200 -25.38 7.45 3.60
C LEU A 200 -26.91 7.48 3.47
N LYS A 201 -27.60 6.55 4.12
CA LYS A 201 -29.06 6.54 4.02
C LYS A 201 -29.67 7.72 4.76
N LYS A 202 -29.07 8.16 5.86
CA LYS A 202 -29.57 9.33 6.57
C LYS A 202 -29.37 10.60 5.75
N GLU A 203 -28.27 10.67 5.00
CA GLU A 203 -27.97 11.82 4.15
C GLU A 203 -28.63 11.73 2.78
N TYR A 204 -28.85 10.51 2.28
CA TYR A 204 -29.43 10.27 0.96
C TYR A 204 -30.57 9.28 1.12
N PRO A 205 -31.74 9.74 1.59
CA PRO A 205 -32.83 8.79 1.90
C PRO A 205 -33.27 7.93 0.74
N ASN A 206 -32.96 8.30 -0.50
CA ASN A 206 -33.37 7.50 -1.66
C ASN A 206 -32.23 6.64 -2.20
N ILE A 207 -31.13 6.52 -1.47
CA ILE A 207 -30.02 5.68 -1.92
C ILE A 207 -30.45 4.22 -1.83
N GLU A 208 -29.90 3.40 -2.71
CA GLU A 208 -30.01 1.96 -2.55
C GLU A 208 -28.73 1.43 -1.93
N ILE A 209 -28.86 0.67 -0.86
CA ILE A 209 -27.73 0.00 -0.21
C ILE A 209 -27.74 -1.45 -0.64
N VAL A 210 -26.62 -1.93 -1.17
CA VAL A 210 -26.55 -3.26 -1.77
C VAL A 210 -25.46 -4.07 -1.11
N ALA A 211 -25.83 -5.21 -0.54
CA ALA A 211 -24.87 -6.16 -0.01
C ALA A 211 -24.34 -7.05 -1.12
N ILE A 212 -23.05 -7.34 -1.05
CA ILE A 212 -22.37 -8.18 -2.03
C ILE A 212 -21.85 -9.42 -1.31
N GLU A 213 -22.15 -10.59 -1.86
CA GLU A 213 -21.78 -11.83 -1.21
C GLU A 213 -21.46 -12.87 -2.27
N PRO A 214 -20.75 -13.94 -1.91
CA PRO A 214 -20.32 -14.91 -2.93
C PRO A 214 -21.45 -15.82 -3.38
N GLU A 215 -21.55 -15.98 -4.70
CA GLU A 215 -22.49 -16.92 -5.30
C GLU A 215 -22.42 -18.30 -4.64
N ALA A 216 -21.22 -18.76 -4.31
CA ALA A 216 -20.98 -20.10 -3.79
C ALA A 216 -21.25 -20.22 -2.29
N SER A 217 -21.55 -19.11 -1.61
CA SER A 217 -21.89 -19.13 -0.19
C SER A 217 -22.87 -18.00 0.08
N PRO A 218 -24.09 -18.10 -0.48
CA PRO A 218 -25.04 -16.97 -0.46
C PRO A 218 -25.90 -16.96 0.80
N VAL A 219 -25.24 -16.85 1.95
CA VAL A 219 -25.93 -16.96 3.24
C VAL A 219 -26.94 -15.83 3.41
N LEU A 220 -26.57 -14.61 3.04
CA LEU A 220 -27.50 -13.50 3.21
C LEU A 220 -28.72 -13.65 2.30
N SER A 221 -28.58 -14.33 1.17
CA SER A 221 -29.70 -14.57 0.27
C SER A 221 -30.55 -15.76 0.69
N GLY A 222 -30.19 -16.45 1.77
CA GLY A 222 -30.94 -17.60 2.23
C GLY A 222 -30.35 -18.93 1.82
N GLY A 223 -29.25 -18.95 1.07
CA GLY A 223 -28.66 -20.17 0.58
C GLY A 223 -27.72 -20.80 1.59
N GLU A 224 -27.01 -21.83 1.13
CA GLU A 224 -26.21 -22.49 2.13
C GLU A 224 -24.76 -22.00 2.11
N PRO A 225 -24.14 -21.94 3.29
CA PRO A 225 -22.70 -21.66 3.33
C PRO A 225 -21.94 -22.71 2.54
N GLY A 226 -20.91 -22.26 1.83
CA GLY A 226 -20.09 -23.15 1.04
C GLY A 226 -18.70 -22.59 0.87
N PRO A 227 -17.77 -23.43 0.43
CA PRO A 227 -16.44 -22.93 0.09
C PRO A 227 -16.53 -22.00 -1.11
N HIS A 228 -15.69 -20.97 -1.08
CA HIS A 228 -15.68 -19.96 -2.12
C HIS A 228 -14.31 -19.32 -2.14
N LYS A 229 -14.03 -18.54 -3.18
CA LYS A 229 -12.72 -17.94 -3.38
C LYS A 229 -12.74 -16.42 -3.22
N LEU A 230 -13.81 -15.85 -2.68
CA LEU A 230 -13.89 -14.40 -2.49
C LEU A 230 -13.33 -14.04 -1.12
N GLN A 231 -11.99 -14.10 -1.04
CA GLN A 231 -11.27 -13.85 0.21
C GLN A 231 -11.71 -12.53 0.84
N GLY A 232 -12.03 -12.59 2.13
CA GLY A 232 -12.57 -11.45 2.85
C GLY A 232 -14.08 -11.42 2.92
N LEU A 233 -14.78 -12.10 2.04
CA LEU A 233 -16.24 -12.14 2.03
C LEU A 233 -16.73 -13.49 2.49
N GLY A 234 -18.06 -13.62 2.59
CA GLY A 234 -18.71 -14.89 2.85
C GLY A 234 -18.22 -15.62 4.08
N ALA A 235 -18.51 -15.06 5.26
CA ALA A 235 -18.07 -15.68 6.50
C ALA A 235 -18.78 -17.01 6.77
N GLY A 236 -19.90 -17.27 6.10
CA GLY A 236 -20.66 -18.49 6.33
C GLY A 236 -21.76 -18.36 7.35
N PHE A 237 -22.00 -17.16 7.87
CA PHE A 237 -23.03 -16.91 8.87
C PHE A 237 -23.37 -15.43 8.80
N ILE A 238 -24.37 -15.03 9.57
CA ILE A 238 -24.75 -13.62 9.68
C ILE A 238 -23.97 -13.03 10.85
N PRO A 239 -23.01 -12.13 10.62
CA PRO A 239 -22.23 -11.58 11.73
C PRO A 239 -23.08 -10.70 12.61
N GLY A 240 -22.73 -10.67 13.89
CA GLY A 240 -23.37 -9.73 14.80
C GLY A 240 -23.13 -8.29 14.41
N THR A 241 -22.05 -8.02 13.70
CA THR A 241 -21.71 -6.68 13.25
C THR A 241 -22.45 -6.26 11.99
N LEU A 242 -23.27 -7.14 11.41
CA LEU A 242 -24.03 -6.82 10.21
C LEU A 242 -25.45 -6.41 10.59
N ASN A 243 -25.85 -5.23 10.15
CA ASN A 243 -27.24 -4.77 10.29
C ASN A 243 -27.98 -5.31 9.07
N THR A 244 -28.75 -6.39 9.27
CA THR A 244 -29.42 -7.01 8.13
C THR A 244 -30.50 -6.11 7.53
N GLU A 245 -30.96 -5.09 8.27
CA GLU A 245 -31.93 -4.15 7.73
C GLU A 245 -31.33 -3.09 6.84
N ILE A 246 -30.00 -2.96 6.80
CA ILE A 246 -29.41 -1.80 6.14
C ILE A 246 -29.46 -1.92 4.62
N TYR A 247 -29.46 -3.13 4.07
CA TYR A 247 -29.39 -3.28 2.63
C TYR A 247 -30.77 -3.55 2.03
N ASP A 248 -31.03 -2.90 0.90
CA ASP A 248 -32.27 -3.07 0.15
C ASP A 248 -32.23 -4.27 -0.78
N SER A 249 -31.05 -4.75 -1.13
CA SER A 249 -30.92 -5.87 -2.04
C SER A 249 -29.55 -6.49 -1.89
N ILE A 250 -29.37 -7.64 -2.54
CA ILE A 250 -28.13 -8.41 -2.47
C ILE A 250 -27.72 -8.75 -3.89
N ILE A 251 -26.43 -8.61 -4.19
CA ILE A 251 -25.88 -9.07 -5.46
C ILE A 251 -24.88 -10.19 -5.17
N LYS A 252 -25.08 -11.32 -5.84
CA LYS A 252 -24.23 -12.49 -5.70
C LYS A 252 -23.23 -12.50 -6.85
N VAL A 253 -21.97 -12.77 -6.54
CA VAL A 253 -20.89 -12.78 -7.53
C VAL A 253 -20.18 -14.13 -7.48
N GLY A 254 -20.01 -14.74 -8.65
CA GLY A 254 -19.27 -15.99 -8.72
C GLY A 254 -17.78 -15.80 -8.56
N ASN A 255 -17.09 -16.91 -8.30
CA ASN A 255 -15.64 -16.87 -8.11
C ASN A 255 -14.95 -16.34 -9.36
N ASP A 256 -15.26 -16.92 -10.52
CA ASP A 256 -14.57 -16.54 -11.74
C ASP A 256 -14.94 -15.12 -12.18
N THR A 257 -16.19 -14.73 -11.95
CA THR A 257 -16.64 -13.40 -12.33
C THR A 257 -15.86 -12.33 -11.58
N ALA A 258 -15.66 -12.51 -10.27
CA ALA A 258 -14.90 -11.54 -9.49
C ALA A 258 -13.44 -11.50 -9.90
N MET A 259 -12.84 -12.68 -10.14
CA MET A 259 -11.45 -12.70 -10.57
C MET A 259 -11.27 -12.02 -11.92
N GLU A 260 -12.17 -12.29 -12.87
CA GLU A 260 -12.09 -11.64 -14.17
C GLU A 260 -12.17 -10.13 -14.06
N MET A 261 -13.05 -9.62 -13.19
CA MET A 261 -13.19 -8.17 -13.11
C MET A 261 -11.98 -7.55 -12.41
N SER A 262 -11.40 -8.22 -11.40
CA SER A 262 -10.16 -7.71 -10.80
C SER A 262 -9.05 -7.62 -11.83
N ARG A 263 -8.96 -8.60 -12.74
CA ARG A 263 -7.97 -8.53 -13.80
C ARG A 263 -8.28 -7.38 -14.75
N ARG A 264 -9.56 -7.18 -15.08
CA ARG A 264 -9.95 -6.10 -15.97
C ARG A 264 -9.65 -4.75 -15.37
N VAL A 265 -9.93 -4.57 -14.07
CA VAL A 265 -9.74 -3.27 -13.44
C VAL A 265 -8.25 -2.96 -13.30
N ALA A 266 -7.43 -3.97 -13.06
CA ALA A 266 -5.99 -3.74 -12.96
C ALA A 266 -5.41 -3.33 -14.32
N LYS A 267 -5.83 -3.99 -15.40
CA LYS A 267 -5.25 -3.73 -16.71
C LYS A 267 -5.82 -2.49 -17.39
N GLU A 268 -7.10 -2.19 -17.17
CA GLU A 268 -7.75 -1.11 -17.90
C GLU A 268 -7.95 0.16 -17.08
N GLU A 269 -7.91 0.08 -15.75
CA GLU A 269 -7.95 1.26 -14.91
C GLU A 269 -6.65 1.52 -14.17
N GLY A 270 -5.72 0.57 -14.20
CA GLY A 270 -4.51 0.70 -13.39
C GLY A 270 -4.74 0.55 -11.90
N ILE A 271 -5.83 -0.09 -11.49
CA ILE A 271 -6.16 -0.23 -10.08
C ILE A 271 -6.03 -1.71 -9.72
N LEU A 272 -5.00 -2.03 -8.94
CA LEU A 272 -4.66 -3.40 -8.56
C LEU A 272 -5.25 -3.70 -7.19
N ALA A 273 -6.36 -4.42 -7.15
CA ALA A 273 -7.07 -4.71 -5.91
C ALA A 273 -7.36 -6.20 -5.80
N GLY A 274 -7.77 -6.61 -4.60
CA GLY A 274 -8.02 -8.01 -4.32
C GLY A 274 -9.31 -8.52 -4.96
N ILE A 275 -9.56 -9.82 -4.77
CA ILE A 275 -10.71 -10.43 -5.44
C ILE A 275 -12.02 -9.89 -4.89
N SER A 276 -12.08 -9.55 -3.59
CA SER A 276 -13.31 -8.98 -3.05
C SER A 276 -13.61 -7.63 -3.70
N SER A 277 -12.58 -6.88 -4.07
CA SER A 277 -12.78 -5.63 -4.78
C SER A 277 -13.30 -5.88 -6.19
N GLY A 278 -12.80 -6.93 -6.85
CA GLY A 278 -13.35 -7.28 -8.16
C GLY A 278 -14.81 -7.64 -8.08
N ALA A 279 -15.22 -8.32 -7.01
CA ALA A 279 -16.64 -8.62 -6.82
C ALA A 279 -17.43 -7.34 -6.60
N ALA A 280 -16.88 -6.40 -5.81
CA ALA A 280 -17.58 -5.15 -5.56
C ALA A 280 -17.74 -4.34 -6.85
N ILE A 281 -16.70 -4.28 -7.67
CA ILE A 281 -16.79 -3.49 -8.90
C ILE A 281 -17.70 -4.18 -9.92
N TYR A 282 -17.67 -5.51 -9.99
CA TYR A 282 -18.61 -6.19 -10.87
C TYR A 282 -20.04 -5.87 -10.49
N ALA A 283 -20.37 -5.95 -9.20
CA ALA A 283 -21.73 -5.64 -8.75
C ALA A 283 -22.06 -4.17 -8.98
N ALA A 284 -21.09 -3.29 -8.76
CA ALA A 284 -21.33 -1.87 -8.99
C ALA A 284 -21.61 -1.58 -10.45
N ILE A 285 -21.03 -2.39 -11.35
CA ILE A 285 -21.26 -2.15 -12.77
C ILE A 285 -22.63 -2.68 -13.21
N GLN A 286 -23.10 -3.82 -12.66
CA GLN A 286 -24.49 -4.18 -12.91
C GLN A 286 -25.43 -3.07 -12.45
N LYS A 287 -25.23 -2.58 -11.23
CA LYS A 287 -26.13 -1.58 -10.70
C LYS A 287 -26.07 -0.31 -11.53
N ALA A 288 -24.86 0.08 -11.98
CA ALA A 288 -24.72 1.26 -12.83
C ALA A 288 -25.54 1.13 -14.11
N LYS A 289 -25.41 -0.02 -14.79
CA LYS A 289 -26.15 -0.20 -16.03
C LYS A 289 -27.66 -0.24 -15.79
N GLU A 290 -28.08 -0.81 -14.65
CA GLU A 290 -29.49 -0.78 -14.29
C GLU A 290 -29.97 0.64 -13.99
N LEU A 291 -29.10 1.47 -13.42
CA LEU A 291 -29.50 2.84 -13.06
C LEU A 291 -29.39 3.83 -14.21
N GLY A 292 -28.51 3.58 -15.18
CA GLY A 292 -28.44 4.43 -16.35
C GLY A 292 -27.59 5.67 -16.14
N LYS A 293 -27.44 6.41 -17.24
CA LYS A 293 -26.51 7.53 -17.29
C LYS A 293 -26.92 8.66 -16.35
N GLY A 294 -25.93 9.37 -15.82
CA GLY A 294 -26.15 10.48 -14.93
C GLY A 294 -26.24 10.14 -13.46
N LYS A 295 -26.50 8.88 -13.13
CA LYS A 295 -26.57 8.45 -11.74
C LYS A 295 -25.17 8.17 -11.18
N THR A 296 -25.10 7.96 -9.87
CA THR A 296 -23.83 7.84 -9.16
C THR A 296 -23.83 6.59 -8.30
N VAL A 297 -22.84 5.72 -8.52
CA VAL A 297 -22.68 4.46 -7.81
C VAL A 297 -21.30 4.45 -7.17
N VAL A 298 -21.24 4.07 -5.88
CA VAL A 298 -20.01 4.08 -5.11
C VAL A 298 -19.83 2.71 -4.46
N THR A 299 -18.59 2.22 -4.45
CA THR A 299 -18.27 1.02 -3.69
C THR A 299 -16.88 1.19 -3.07
N VAL A 300 -16.49 0.19 -2.29
CA VAL A 300 -15.25 0.21 -1.52
C VAL A 300 -14.34 -0.92 -2.01
N LEU A 301 -13.05 -0.63 -2.15
CA LEU A 301 -12.06 -1.65 -2.46
C LEU A 301 -11.28 -1.99 -1.20
N PRO A 302 -11.53 -3.13 -0.56
CA PRO A 302 -10.98 -3.35 0.79
C PRO A 302 -9.48 -3.61 0.83
N SER A 303 -8.88 -4.17 -0.21
CA SER A 303 -7.51 -4.63 -0.10
C SER A 303 -6.80 -4.53 -1.44
N ASN A 304 -5.47 -4.59 -1.38
CA ASN A 304 -4.61 -4.44 -2.54
C ASN A 304 -4.37 -5.80 -3.19
N GLY A 305 -4.26 -5.80 -4.52
CA GLY A 305 -4.02 -7.04 -5.24
C GLY A 305 -2.67 -7.64 -4.92
N GLU A 306 -1.72 -6.81 -4.47
CA GLU A 306 -0.38 -7.31 -4.15
C GLU A 306 -0.39 -8.26 -2.96
N ARG A 307 -1.42 -8.20 -2.11
CA ARG A 307 -1.53 -9.13 -1.00
C ARG A 307 -1.94 -10.53 -1.45
N TYR A 308 -2.26 -10.73 -2.73
CA TYR A 308 -2.83 -11.98 -3.20
C TYR A 308 -2.05 -12.56 -4.38
N LEU A 309 -0.76 -12.22 -4.49
CA LEU A 309 0.04 -12.72 -5.59
C LEU A 309 0.29 -14.21 -5.52
N SER A 310 0.09 -14.82 -4.35
CA SER A 310 0.24 -16.25 -4.16
C SER A 310 -1.02 -17.05 -4.48
N THR A 311 -2.09 -16.38 -4.89
CA THR A 311 -3.38 -16.99 -5.20
C THR A 311 -3.62 -17.01 -6.71
N PRO A 312 -4.62 -17.79 -7.19
CA PRO A 312 -4.91 -17.83 -8.63
C PRO A 312 -5.43 -16.51 -9.19
N LEU A 313 -5.55 -15.48 -8.35
CA LEU A 313 -6.10 -14.21 -8.78
C LEU A 313 -5.27 -13.59 -9.92
N TYR A 314 -3.95 -13.63 -9.82
CA TYR A 314 -3.07 -13.04 -10.82
C TYR A 314 -2.00 -14.02 -11.27
N SER A 315 -2.36 -15.30 -11.41
CA SER A 315 -1.46 -16.29 -11.99
C SER A 315 -1.79 -16.57 -13.45
N HIS B 4 -20.35 14.44 10.23
CA HIS B 4 -19.80 15.78 10.04
C HIS B 4 -18.33 15.94 10.45
N HIS B 5 -18.01 15.66 11.72
CA HIS B 5 -16.77 16.19 12.30
C HIS B 5 -15.83 15.15 12.90
N HIS B 6 -16.08 13.85 12.73
CA HIS B 6 -15.25 12.85 13.40
C HIS B 6 -14.25 12.18 12.48
N HIS B 7 -14.13 12.63 11.23
CA HIS B 7 -13.30 11.93 10.26
C HIS B 7 -12.14 12.79 9.82
N HIS B 8 -11.13 12.13 9.27
CA HIS B 8 -10.04 12.82 8.61
C HIS B 8 -10.50 13.37 7.28
N MET B 9 -9.90 14.47 6.85
CA MET B 9 -10.34 15.08 5.61
C MET B 9 -9.95 14.17 4.46
N ALA B 10 -10.87 13.98 3.53
CA ALA B 10 -10.66 13.10 2.40
C ALA B 10 -10.75 13.88 1.08
N GLN B 11 -9.84 13.57 0.17
CA GLN B 11 -9.77 14.24 -1.11
C GLN B 11 -10.96 13.85 -1.99
N LYS B 12 -11.50 14.83 -2.71
CA LYS B 12 -12.65 14.56 -3.56
C LYS B 12 -12.23 13.67 -4.74
N PRO B 13 -13.19 13.01 -5.39
CA PRO B 13 -12.85 11.98 -6.38
C PRO B 13 -11.94 12.49 -7.49
N VAL B 14 -11.02 11.62 -7.92
CA VAL B 14 -10.11 11.92 -9.01
C VAL B 14 -10.54 11.12 -10.23
N ASP B 15 -10.12 11.59 -11.41
CA ASP B 15 -10.53 10.93 -12.64
C ASP B 15 -9.70 9.70 -12.95
N ASN B 16 -8.44 9.63 -12.51
CA ASN B 16 -7.75 8.36 -12.60
C ASN B 16 -6.69 8.27 -11.53
N ILE B 17 -6.23 7.03 -11.31
CA ILE B 17 -5.42 6.71 -10.15
C ILE B 17 -4.09 7.44 -10.12
N THR B 18 -3.57 7.88 -11.28
CA THR B 18 -2.28 8.58 -11.26
C THR B 18 -2.35 9.90 -10.50
N GLN B 19 -3.52 10.52 -10.43
CA GLN B 19 -3.67 11.76 -9.68
C GLN B 19 -3.54 11.56 -8.17
N ILE B 20 -3.41 10.32 -7.70
CA ILE B 20 -3.15 10.07 -6.29
C ILE B 20 -1.65 10.02 -6.01
N ILE B 21 -0.82 9.90 -7.04
CA ILE B 21 0.61 9.87 -6.86
C ILE B 21 1.07 11.17 -6.24
N GLY B 22 1.95 11.07 -5.23
CA GLY B 22 2.48 12.23 -4.52
C GLY B 22 1.72 12.50 -3.24
N GLY B 23 2.11 13.60 -2.60
CA GLY B 23 1.48 14.04 -1.36
C GLY B 23 1.63 13.07 -0.21
N THR B 24 2.80 12.45 -0.07
CA THR B 24 2.98 11.36 0.88
C THR B 24 3.25 11.88 2.29
N PRO B 25 2.78 11.17 3.32
CA PRO B 25 2.87 11.68 4.69
C PRO B 25 4.26 11.47 5.28
N VAL B 26 4.46 12.05 6.47
CA VAL B 26 5.72 11.99 7.19
C VAL B 26 5.44 11.63 8.64
N VAL B 27 6.21 10.68 9.17
CA VAL B 27 6.02 10.19 10.54
C VAL B 27 7.31 10.37 11.33
N LYS B 28 7.18 10.91 12.54
CA LYS B 28 8.28 11.02 13.48
C LYS B 28 8.52 9.68 14.17
N LEU B 29 9.79 9.25 14.22
CA LEU B 29 10.13 8.01 14.91
C LEU B 29 10.18 8.25 16.41
N ARG B 30 9.70 7.27 17.18
CA ARG B 30 9.48 7.41 18.61
C ARG B 30 10.36 6.51 19.47
N ASN B 31 10.68 5.31 19.00
CA ASN B 31 11.25 4.29 19.88
C ASN B 31 12.65 3.84 19.47
N VAL B 32 12.90 3.71 18.17
CA VAL B 32 14.24 3.34 17.71
C VAL B 32 15.22 4.50 17.79
N VAL B 33 14.76 5.68 18.19
CA VAL B 33 15.59 6.87 18.28
C VAL B 33 15.54 7.39 19.71
N ASP B 34 16.71 7.55 20.32
CA ASP B 34 16.88 8.19 21.61
C ASP B 34 16.39 9.64 21.59
N ASP B 35 15.89 10.10 22.74
CA ASP B 35 15.43 11.49 22.87
C ASP B 35 16.57 12.48 22.95
N ASN B 36 17.76 12.05 23.38
CA ASN B 36 18.94 12.91 23.37
C ASN B 36 19.65 12.89 22.01
N ALA B 37 19.01 12.32 21.00
CA ALA B 37 19.44 12.44 19.61
C ALA B 37 18.50 13.40 18.89
N ALA B 38 18.86 13.76 17.66
CA ALA B 38 17.98 14.61 16.88
C ALA B 38 16.71 13.84 16.50
N ASP B 39 15.65 14.60 16.26
CA ASP B 39 14.42 13.99 15.77
C ASP B 39 14.66 13.38 14.39
N VAL B 40 14.05 12.23 14.14
CA VAL B 40 14.14 11.58 12.83
C VAL B 40 12.74 11.48 12.26
N TYR B 41 12.56 12.00 11.05
CA TYR B 41 11.28 11.97 10.35
C TYR B 41 11.45 11.17 9.07
N VAL B 42 10.43 10.38 8.73
CA VAL B 42 10.48 9.52 7.55
C VAL B 42 9.30 9.86 6.66
N LYS B 43 9.57 10.09 5.38
CA LYS B 43 8.51 10.32 4.40
C LYS B 43 8.15 8.98 3.78
N LEU B 44 6.88 8.60 3.88
CA LEU B 44 6.42 7.27 3.47
C LEU B 44 6.11 7.29 1.98
N GLU B 45 7.12 7.04 1.16
CA GLU B 45 6.86 7.01 -0.27
C GLU B 45 6.18 5.72 -0.71
N TYR B 46 6.10 4.72 0.16
CA TYR B 46 5.31 3.54 -0.20
C TYR B 46 3.82 3.81 -0.14
N GLN B 47 3.40 5.00 0.30
CA GLN B 47 1.98 5.36 0.28
C GLN B 47 1.52 5.86 -1.09
N ASN B 48 2.43 6.01 -2.04
CA ASN B 48 2.03 6.18 -3.41
C ASN B 48 1.15 5.00 -3.84
N PRO B 49 0.18 5.23 -4.73
CA PRO B 49 -0.81 4.18 -5.01
C PRO B 49 -0.21 2.91 -5.60
N GLY B 50 0.94 3.00 -6.28
CA GLY B 50 1.61 1.84 -6.81
C GLY B 50 2.56 1.17 -5.85
N GLY B 51 2.75 1.72 -4.66
CA GLY B 51 3.50 1.07 -3.62
C GLY B 51 4.93 1.55 -3.42
N SER B 52 5.42 2.50 -4.20
CA SER B 52 6.80 2.93 -4.00
C SER B 52 7.03 4.31 -4.59
N VAL B 53 8.20 4.86 -4.26
CA VAL B 53 8.66 6.16 -4.76
C VAL B 53 8.66 6.21 -6.27
N ASP B 55 6.56 5.41 -8.42
CA ASP B 55 5.36 5.95 -9.10
C ASP B 55 5.63 7.34 -9.64
N ARG B 56 6.37 8.12 -8.86
CA ARG B 56 6.62 9.51 -9.22
C ARG B 56 7.36 9.61 -10.55
N ILE B 57 8.41 8.80 -10.74
CA ILE B 57 9.22 8.94 -11.94
C ILE B 57 8.58 8.20 -13.10
N ALA B 58 7.82 7.14 -12.82
CA ALA B 58 7.07 6.48 -13.89
C ALA B 58 6.07 7.44 -14.52
N LEU B 59 5.35 8.20 -13.71
CA LEU B 59 4.38 9.16 -14.22
C LEU B 59 5.09 10.33 -14.93
N ALA B 60 6.13 10.87 -14.30
CA ALA B 60 6.81 12.03 -14.88
C ALA B 60 7.42 11.67 -16.23
N MET B 61 8.02 10.50 -16.34
CA MET B 61 8.69 10.12 -17.57
C MET B 61 7.67 9.90 -18.69
N ILE B 62 6.57 9.22 -18.38
CA ILE B 62 5.52 9.03 -19.39
C ILE B 62 4.88 10.35 -19.77
N GLU B 63 4.61 11.20 -18.77
CA GLU B 63 3.90 12.45 -19.05
C GLU B 63 4.75 13.40 -19.89
N LYS B 64 6.05 13.47 -19.61
CA LYS B 64 6.92 14.31 -20.43
C LYS B 64 7.00 13.79 -21.86
N ALA B 65 7.06 12.47 -22.03
CA ALA B 65 7.07 11.92 -23.39
C ALA B 65 5.80 12.27 -24.14
N GLU B 66 4.67 12.37 -23.44
CA GLU B 66 3.45 12.90 -24.07
C GLU B 66 3.59 14.38 -24.39
N ARG B 67 3.95 15.19 -23.39
CA ARG B 67 4.07 16.62 -23.60
C ARG B 67 4.98 16.93 -24.79
N GLU B 68 6.03 16.14 -24.96
CA GLU B 68 6.98 16.33 -26.04
C GLU B 68 6.55 15.66 -27.35
N GLY B 69 5.51 14.83 -27.32
CA GLY B 69 5.04 14.17 -28.51
C GLY B 69 5.80 12.93 -28.90
N LYS B 70 6.63 12.39 -28.01
CA LYS B 70 7.36 11.16 -28.33
C LYS B 70 6.47 9.94 -28.24
N ILE B 71 5.40 9.99 -27.42
CA ILE B 71 4.45 8.90 -27.29
C ILE B 71 3.04 9.46 -27.23
N LYS B 72 2.09 8.59 -27.58
CA LYS B 72 0.66 8.87 -27.48
C LYS B 72 -0.01 7.60 -26.95
N PRO B 73 -1.12 7.74 -26.22
CA PRO B 73 -1.77 6.56 -25.66
C PRO B 73 -2.03 5.48 -26.71
N GLY B 74 -1.74 4.25 -26.35
CA GLY B 74 -1.71 3.15 -27.27
C GLY B 74 -0.31 2.70 -27.65
N ASP B 75 0.68 3.58 -27.52
CA ASP B 75 2.06 3.23 -27.83
C ASP B 75 2.64 2.27 -26.79
N THR B 76 3.75 1.64 -27.16
CA THR B 76 4.43 0.69 -26.30
C THR B 76 5.67 1.29 -25.67
N ILE B 77 5.84 1.05 -24.39
CA ILE B 77 7.02 1.41 -23.61
C ILE B 77 7.86 0.16 -23.41
N VAL B 78 9.18 0.31 -23.45
CA VAL B 78 10.10 -0.78 -23.15
C VAL B 78 11.12 -0.29 -22.12
N GLU B 79 11.41 -1.14 -21.14
CA GLU B 79 12.39 -0.82 -20.09
C GLU B 79 13.03 -2.09 -19.57
N PRO B 80 14.36 -2.13 -19.45
CA PRO B 80 15.01 -3.29 -18.86
C PRO B 80 15.09 -3.20 -17.34
N THR B 81 14.10 -3.76 -16.65
CA THR B 81 14.10 -3.70 -15.20
C THR B 81 13.11 -4.73 -14.68
N SER B 82 13.29 -5.10 -13.41
CA SER B 82 12.36 -5.99 -12.73
C SER B 82 11.88 -5.44 -11.39
N GLY B 83 12.46 -4.36 -10.88
CA GLY B 83 12.17 -3.85 -9.56
C GLY B 83 11.00 -2.90 -9.51
N ASN B 84 11.09 -1.92 -8.60
CA ASN B 84 9.98 -1.02 -8.37
C ASN B 84 9.73 -0.09 -9.55
N THR B 85 10.76 0.18 -10.36
CA THR B 85 10.55 1.00 -11.54
C THR B 85 9.67 0.27 -12.55
N GLY B 86 9.91 -1.03 -12.75
CA GLY B 86 9.02 -1.80 -13.60
C GLY B 86 7.60 -1.83 -13.09
N ILE B 87 7.44 -1.95 -11.76
CA ILE B 87 6.11 -1.93 -11.16
C ILE B 87 5.44 -0.58 -11.38
N GLY B 88 6.16 0.50 -11.07
CA GLY B 88 5.60 1.83 -11.30
C GLY B 88 5.25 2.07 -12.76
N LEU B 89 6.11 1.64 -13.68
CA LEU B 89 5.85 1.82 -15.10
C LEU B 89 4.66 0.98 -15.56
N ALA B 90 4.59 -0.27 -15.12
CA ALA B 90 3.42 -1.08 -15.43
C ALA B 90 2.15 -0.44 -14.89
N PHE B 91 2.21 0.05 -13.65
CA PHE B 91 1.08 0.72 -13.02
C PHE B 91 0.66 1.94 -13.83
N VAL B 92 1.60 2.82 -14.15
CA VAL B 92 1.27 4.05 -14.87
C VAL B 92 0.80 3.75 -16.30
N CYS B 93 1.41 2.77 -16.96
CA CYS B 93 0.98 2.45 -18.32
C CYS B 93 -0.44 1.92 -18.35
N ALA B 94 -0.78 1.04 -17.40
CA ALA B 94 -2.16 0.60 -17.29
C ALA B 94 -3.10 1.78 -17.05
N ALA B 95 -2.70 2.70 -16.17
CA ALA B 95 -3.58 3.80 -15.82
C ALA B 95 -3.79 4.77 -16.97
N LYS B 96 -2.79 4.93 -17.85
CA LYS B 96 -2.85 5.94 -18.89
C LYS B 96 -3.08 5.37 -20.29
N GLY B 97 -3.14 4.04 -20.43
CA GLY B 97 -3.44 3.45 -21.71
C GLY B 97 -2.22 3.22 -22.58
N TYR B 98 -1.12 2.82 -21.97
CA TYR B 98 0.10 2.48 -22.69
C TYR B 98 0.38 0.99 -22.54
N LYS B 99 1.06 0.43 -23.54
CA LYS B 99 1.55 -0.93 -23.48
C LYS B 99 2.96 -0.91 -22.91
N ALA B 100 3.27 -1.86 -22.03
CA ALA B 100 4.57 -1.93 -21.38
C ALA B 100 5.20 -3.28 -21.65
N VAL B 101 6.47 -3.26 -22.03
CA VAL B 101 7.27 -4.47 -22.22
C VAL B 101 8.54 -4.31 -21.39
N PHE B 102 8.78 -5.25 -20.49
CA PHE B 102 9.96 -5.23 -19.65
C PHE B 102 10.83 -6.45 -19.94
N THR B 103 12.14 -6.24 -20.00
CA THR B 103 13.11 -7.31 -20.13
C THR B 103 13.78 -7.53 -18.78
N MET B 104 14.10 -8.79 -18.49
CA MET B 104 14.75 -9.14 -17.23
C MET B 104 15.34 -10.53 -17.36
N PRO B 105 16.33 -10.86 -16.52
CA PRO B 105 16.79 -12.26 -16.45
C PRO B 105 15.71 -13.16 -15.89
N GLU B 106 15.71 -14.40 -16.35
CA GLU B 106 14.63 -15.32 -16.01
C GLU B 106 14.63 -15.73 -14.54
N THR B 107 15.64 -15.29 -13.78
CA THR B 107 15.74 -15.58 -12.35
C THR B 107 14.96 -14.57 -11.50
N MET B 108 14.10 -13.76 -12.10
CA MET B 108 13.22 -12.89 -11.32
C MET B 108 12.07 -13.71 -10.75
N SER B 109 11.72 -13.41 -9.49
CA SER B 109 10.77 -14.23 -8.75
C SER B 109 9.41 -14.27 -9.44
N GLN B 110 8.66 -15.34 -9.17
CA GLN B 110 7.38 -15.55 -9.83
C GLN B 110 6.32 -14.58 -9.33
N GLU B 111 6.29 -14.33 -8.02
CA GLU B 111 5.35 -13.35 -7.48
C GLU B 111 5.52 -11.99 -8.17
N ARG B 112 6.76 -11.61 -8.43
CA ARG B 112 7.01 -10.36 -9.15
C ARG B 112 6.53 -10.44 -10.59
N ARG B 113 6.76 -11.57 -11.26
CA ARG B 113 6.25 -11.74 -12.62
C ARG B 113 4.74 -11.58 -12.66
N ASN B 114 4.04 -12.13 -11.67
CA ASN B 114 2.60 -11.99 -11.59
C ASN B 114 2.17 -10.55 -11.37
N LEU B 115 2.92 -9.82 -10.54
CA LEU B 115 2.60 -8.42 -10.28
C LEU B 115 2.64 -7.59 -11.55
N LEU B 116 3.76 -7.63 -12.26
CA LEU B 116 3.89 -6.92 -13.52
C LEU B 116 2.80 -7.35 -14.50
N LYS B 117 2.53 -8.66 -14.57
CA LYS B 117 1.54 -9.16 -15.50
C LYS B 117 0.13 -8.78 -15.08
N ALA B 118 -0.11 -8.60 -13.77
CA ALA B 118 -1.42 -8.16 -13.31
C ALA B 118 -1.81 -6.83 -13.91
N TYR B 119 -0.83 -5.95 -14.12
CA TYR B 119 -1.07 -4.68 -14.81
C TYR B 119 -1.09 -4.80 -16.32
N GLY B 120 -0.88 -5.99 -16.86
CA GLY B 120 -0.92 -6.18 -18.30
C GLY B 120 0.39 -6.01 -19.02
N ALA B 121 1.49 -5.82 -18.29
CA ALA B 121 2.78 -5.69 -18.96
C ALA B 121 3.20 -7.05 -19.52
N GLU B 122 4.01 -7.02 -20.58
CA GLU B 122 4.68 -8.21 -21.08
C GLU B 122 6.05 -8.36 -20.45
N LEU B 123 6.44 -9.60 -20.22
CA LEU B 123 7.74 -9.91 -19.64
C LEU B 123 8.56 -10.68 -20.68
N VAL B 124 9.71 -10.14 -21.04
CA VAL B 124 10.59 -10.76 -22.01
C VAL B 124 11.81 -11.26 -21.26
N LEU B 125 12.01 -12.57 -21.26
CA LEU B 125 12.97 -13.18 -20.37
C LEU B 125 14.28 -13.34 -21.14
N THR B 126 15.39 -12.98 -20.50
CA THR B 126 16.69 -13.11 -21.12
C THR B 126 17.51 -14.18 -20.40
N PRO B 127 18.54 -14.74 -21.05
CA PRO B 127 19.35 -15.77 -20.37
C PRO B 127 19.82 -15.31 -19.01
N GLY B 128 19.44 -16.06 -17.96
CA GLY B 128 19.80 -15.70 -16.60
C GLY B 128 21.29 -15.53 -16.37
N SER B 129 22.12 -16.14 -17.23
CA SER B 129 23.56 -16.02 -17.10
C SER B 129 24.12 -14.75 -17.75
N GLU B 130 23.33 -14.07 -18.58
CA GLU B 130 23.73 -12.77 -19.12
C GLU B 130 23.34 -11.62 -18.21
N ALA B 131 22.48 -11.89 -17.23
CA ALA B 131 22.17 -10.97 -16.11
C ALA B 131 21.59 -9.68 -16.68
N MET B 132 21.87 -8.52 -16.08
CA MET B 132 21.26 -7.27 -16.52
C MET B 132 21.76 -6.84 -17.89
N LYS B 133 23.04 -7.07 -18.18
CA LYS B 133 23.59 -6.74 -19.50
C LYS B 133 22.77 -7.39 -20.60
N GLY B 134 22.32 -8.63 -20.36
CA GLY B 134 21.47 -9.30 -21.34
C GLY B 134 20.09 -8.66 -21.46
N ALA B 135 19.52 -8.26 -20.32
CA ALA B 135 18.21 -7.61 -20.36
C ALA B 135 18.29 -6.24 -21.03
N ILE B 136 19.38 -5.51 -20.78
CA ILE B 136 19.56 -4.21 -21.42
C ILE B 136 19.71 -4.37 -22.93
N LYS B 137 20.49 -5.37 -23.37
CA LYS B 137 20.70 -5.58 -24.79
C LYS B 137 19.40 -5.92 -25.49
N LYS B 138 18.58 -6.79 -24.90
CA LYS B 138 17.31 -7.15 -25.52
C LYS B 138 16.38 -5.95 -25.60
N ALA B 139 16.37 -5.12 -24.56
CA ALA B 139 15.56 -3.90 -24.59
C ALA B 139 15.95 -3.01 -25.77
N LYS B 140 17.25 -2.85 -26.01
CA LYS B 140 17.69 -1.99 -27.10
C LYS B 140 17.33 -2.59 -28.45
N GLU B 141 17.45 -3.90 -28.60
CA GLU B 141 17.06 -4.54 -29.85
C GLU B 141 15.59 -4.30 -30.15
N LEU B 142 14.73 -4.49 -29.15
CA LEU B 142 13.30 -4.23 -29.34
C LEU B 142 13.07 -2.74 -29.61
N LYS B 143 13.79 -1.88 -28.91
CA LYS B 143 13.66 -0.44 -29.12
C LYS B 143 13.99 -0.07 -30.55
N GLU B 144 15.11 -0.59 -31.07
CA GLU B 144 15.49 -0.28 -32.45
C GLU B 144 14.57 -0.95 -33.46
N GLU B 145 14.09 -2.16 -33.16
CA GLU B 145 13.27 -2.89 -34.13
C GLU B 145 11.89 -2.27 -34.28
N HIS B 146 11.24 -1.91 -33.17
CA HIS B 146 9.85 -1.50 -33.20
C HIS B 146 9.65 -0.01 -32.93
N GLY B 147 10.71 0.74 -32.65
CA GLY B 147 10.54 2.15 -32.34
C GLY B 147 9.94 2.44 -30.99
N TYR B 148 9.85 1.44 -30.11
CA TYR B 148 9.35 1.63 -28.76
C TYR B 148 10.12 2.72 -28.03
N PHE B 149 9.40 3.49 -27.22
CA PHE B 149 10.01 4.48 -26.35
C PHE B 149 10.60 3.80 -25.12
N GLU B 150 11.83 4.16 -24.78
CA GLU B 150 12.49 3.67 -23.57
C GLU B 150 12.59 4.79 -22.55
N PRO B 151 11.93 4.69 -21.39
CA PRO B 151 12.02 5.78 -20.40
C PRO B 151 13.44 6.07 -19.94
N GLN B 152 14.25 5.03 -19.70
CA GLN B 152 15.63 5.16 -19.22
C GLN B 152 15.67 5.76 -17.82
N GLN B 153 15.39 4.95 -16.79
CA GLN B 153 15.28 5.49 -15.44
C GLN B 153 16.60 6.04 -14.90
N PHE B 154 17.74 5.58 -15.43
CA PHE B 154 19.04 6.03 -14.96
C PHE B 154 19.60 7.20 -15.74
N GLU B 155 18.91 7.65 -16.79
CA GLU B 155 19.37 8.76 -17.61
C GLU B 155 18.33 9.85 -17.85
N ASN B 156 17.06 9.57 -17.65
CA ASN B 156 16.01 10.52 -18.01
C ASN B 156 15.99 11.69 -17.03
N PRO B 157 16.18 12.93 -17.50
CA PRO B 157 16.18 14.07 -16.56
C PRO B 157 14.85 14.30 -15.88
N ALA B 158 13.75 13.80 -16.45
CA ALA B 158 12.46 13.92 -15.79
C ALA B 158 12.45 13.22 -14.44
N ASN B 159 13.34 12.25 -14.22
CA ASN B 159 13.43 11.51 -12.97
C ASN B 159 13.86 12.50 -11.86
N PRO B 160 15.07 13.07 -11.87
CA PRO B 160 15.38 14.02 -10.79
C PRO B 160 14.49 15.25 -10.80
N GLU B 161 13.96 15.64 -11.96
CA GLU B 161 13.15 16.86 -12.01
C GLU B 161 11.82 16.71 -11.28
N VAL B 162 11.21 15.52 -11.32
CA VAL B 162 9.93 15.38 -10.64
C VAL B 162 10.12 15.48 -9.13
N HIS B 163 11.24 15.00 -8.60
CA HIS B 163 11.50 15.17 -7.18
C HIS B 163 11.78 16.64 -6.85
N GLU B 164 12.31 17.39 -7.82
CA GLU B 164 12.46 18.83 -7.62
C GLU B 164 11.11 19.54 -7.61
N LEU B 165 10.14 19.04 -8.37
CA LEU B 165 8.87 19.73 -8.51
C LEU B 165 7.79 19.24 -7.55
N THR B 166 7.93 18.01 -7.02
CA THR B 166 6.89 17.47 -6.15
C THR B 166 7.44 17.03 -4.80
N THR B 167 8.29 16.00 -4.78
CA THR B 167 8.75 15.43 -3.50
C THR B 167 9.38 16.51 -2.62
N GLY B 168 10.26 17.32 -3.21
CA GLY B 168 10.96 18.36 -2.49
C GLY B 168 10.04 19.44 -1.93
N PRO B 169 9.25 20.09 -2.79
CA PRO B 169 8.31 21.11 -2.30
C PRO B 169 7.33 20.55 -1.29
N GLU B 170 6.97 19.27 -1.40
CA GLU B 170 6.18 18.62 -0.36
C GLU B 170 6.86 18.69 1.00
N LEU B 171 8.10 18.18 1.11
CA LEU B 171 8.79 18.23 2.41
C LEU B 171 8.86 19.65 2.90
N LEU B 172 9.04 20.58 1.96
CA LEU B 172 9.42 21.92 2.31
C LEU B 172 8.20 22.67 2.87
N GLN B 173 7.01 22.37 2.34
CA GLN B 173 5.75 22.67 2.98
C GLN B 173 5.36 21.71 4.13
N GLN B 174 5.90 20.49 4.17
CA GLN B 174 5.62 19.71 5.38
C GLN B 174 6.46 20.14 6.56
N PHE B 175 7.54 20.87 6.33
CA PHE B 175 8.45 21.31 7.39
C PHE B 175 8.55 22.83 7.47
N GLU B 176 7.54 23.54 6.97
CA GLU B 176 7.54 24.99 7.04
C GLU B 176 7.55 25.45 8.49
N GLY B 177 8.41 26.42 8.80
CA GLY B 177 8.59 26.84 10.17
C GLY B 177 9.50 25.94 10.98
N LYS B 178 10.16 24.99 10.36
CA LYS B 178 11.15 24.14 11.02
C LYS B 178 12.39 24.07 10.15
N THR B 179 13.54 23.90 10.78
CA THR B 179 14.81 23.77 10.08
C THR B 179 15.12 22.29 9.90
N ILE B 180 15.38 21.89 8.67
CA ILE B 180 15.90 20.54 8.40
C ILE B 180 17.42 20.63 8.41
N ASP B 181 18.04 19.85 9.29
CA ASP B 181 19.49 19.90 9.47
C ASP B 181 20.22 18.91 8.57
N ALA B 182 19.62 17.76 8.30
CA ALA B 182 20.19 16.80 7.36
C ALA B 182 19.06 16.11 6.61
N PHE B 183 19.29 15.89 5.32
CA PHE B 183 18.43 15.04 4.52
C PHE B 183 19.27 13.90 3.96
N LEU B 184 18.80 12.68 4.15
CA LEU B 184 19.52 11.48 3.73
C LEU B 184 18.63 10.69 2.79
N ALA B 185 19.23 10.07 1.78
CA ALA B 185 18.44 9.24 0.87
C ALA B 185 19.35 8.20 0.24
N GLY B 186 18.86 6.96 0.19
CA GLY B 186 19.55 5.94 -0.56
C GLY B 186 19.53 6.26 -2.05
N VAL B 187 20.59 5.87 -2.74
CA VAL B 187 20.77 6.20 -4.14
C VAL B 187 20.57 4.94 -4.95
N GLY B 188 19.49 4.91 -5.72
CA GLY B 188 19.33 3.92 -6.77
C GLY B 188 19.63 4.57 -8.10
N THR B 189 18.64 5.29 -8.64
CA THR B 189 18.90 6.19 -9.75
C THR B 189 19.55 7.50 -9.31
N GLY B 190 19.42 7.86 -8.03
CA GLY B 190 19.84 9.15 -7.54
C GLY B 190 18.87 10.27 -7.75
N GLY B 191 17.68 9.99 -8.30
CA GLY B 191 16.74 11.06 -8.59
C GLY B 191 16.17 11.71 -7.34
N THR B 192 15.86 10.89 -6.32
CA THR B 192 15.29 11.44 -5.10
C THR B 192 16.28 12.36 -4.40
N LEU B 193 17.52 11.88 -4.20
CA LEU B 193 18.52 12.69 -3.54
C LEU B 193 18.78 13.97 -4.31
N SER B 194 18.91 13.86 -5.64
CA SER B 194 19.29 15.00 -6.47
C SER B 194 18.20 16.06 -6.46
N GLY B 195 16.96 15.67 -6.70
CA GLY B 195 15.86 16.61 -6.81
C GLY B 195 15.45 17.19 -5.47
N VAL B 196 15.27 16.33 -4.47
CA VAL B 196 14.96 16.82 -3.13
C VAL B 196 16.11 17.66 -2.59
N GLY B 197 17.34 17.19 -2.78
CA GLY B 197 18.50 17.89 -2.23
C GLY B 197 18.65 19.28 -2.80
N LYS B 198 18.43 19.44 -4.11
CA LYS B 198 18.47 20.75 -4.73
C LYS B 198 17.48 21.70 -4.08
N VAL B 199 16.25 21.22 -3.85
CA VAL B 199 15.19 22.06 -3.33
C VAL B 199 15.42 22.41 -1.87
N LEU B 200 15.80 21.41 -1.05
CA LEU B 200 16.04 21.69 0.37
C LEU B 200 17.26 22.58 0.55
N LYS B 201 18.30 22.40 -0.27
CA LYS B 201 19.48 23.23 -0.16
C LYS B 201 19.15 24.71 -0.38
N LYS B 202 18.26 24.99 -1.33
CA LYS B 202 17.92 26.38 -1.62
C LYS B 202 17.20 27.05 -0.46
N GLU B 203 16.45 26.27 0.33
CA GLU B 203 15.71 26.82 1.46
C GLU B 203 16.50 26.77 2.75
N TYR B 204 17.39 25.79 2.89
CA TYR B 204 18.11 25.52 4.13
C TYR B 204 19.59 25.56 3.79
N PRO B 205 20.22 26.74 3.80
CA PRO B 205 21.58 26.85 3.27
C PRO B 205 22.60 26.01 4.03
N ASN B 206 22.40 25.79 5.33
CA ASN B 206 23.31 25.01 6.16
C ASN B 206 23.00 23.51 6.16
N ILE B 207 22.04 23.05 5.34
CA ILE B 207 21.62 21.65 5.42
C ILE B 207 22.74 20.75 4.92
N GLU B 208 22.80 19.54 5.47
CA GLU B 208 23.72 18.51 4.99
C GLU B 208 22.95 17.49 4.18
N ILE B 209 23.43 17.22 2.96
CA ILE B 209 22.80 16.28 2.05
C ILE B 209 23.68 15.03 1.99
N VAL B 210 23.12 13.89 2.37
CA VAL B 210 23.87 12.65 2.57
C VAL B 210 23.35 11.60 1.61
N ALA B 211 24.25 11.04 0.81
CA ALA B 211 23.94 9.87 -0.01
C ALA B 211 24.18 8.60 0.79
N ILE B 212 23.29 7.63 0.64
CA ILE B 212 23.41 6.32 1.27
C ILE B 212 23.62 5.28 0.18
N GLU B 213 24.64 4.45 0.34
CA GLU B 213 24.91 3.38 -0.61
C GLU B 213 25.33 2.14 0.18
N PRO B 214 25.31 0.96 -0.45
CA PRO B 214 25.63 -0.26 0.29
C PRO B 214 27.12 -0.38 0.52
N GLU B 215 27.49 -0.91 1.70
CA GLU B 215 28.90 -1.13 1.98
C GLU B 215 29.50 -2.17 1.04
N ALA B 216 28.66 -3.06 0.51
CA ALA B 216 29.11 -4.14 -0.36
C ALA B 216 29.21 -3.73 -1.83
N SER B 217 28.84 -2.50 -2.18
CA SER B 217 28.98 -2.01 -3.55
C SER B 217 29.07 -0.49 -3.51
N PRO B 218 30.15 0.05 -2.96
CA PRO B 218 30.25 1.50 -2.70
C PRO B 218 30.83 2.28 -3.89
N VAL B 219 30.09 2.33 -4.99
CA VAL B 219 30.63 2.89 -6.22
C VAL B 219 30.75 4.40 -6.14
N LEU B 220 29.86 5.05 -5.39
CA LEU B 220 29.97 6.50 -5.23
C LEU B 220 31.26 6.86 -4.51
N SER B 221 31.67 6.03 -3.56
CA SER B 221 32.91 6.23 -2.82
C SER B 221 34.14 5.82 -3.62
N GLY B 222 33.97 5.25 -4.81
CA GLY B 222 35.09 4.81 -5.60
C GLY B 222 35.49 3.35 -5.40
N GLY B 223 34.61 2.51 -4.85
CA GLY B 223 34.89 1.11 -4.71
C GLY B 223 34.37 0.30 -5.87
N GLU B 224 34.59 -1.05 -5.80
CA GLU B 224 34.08 -1.74 -6.98
C GLU B 224 32.62 -2.12 -6.79
N PRO B 225 31.84 -2.15 -7.87
CA PRO B 225 30.47 -2.68 -7.77
C PRO B 225 30.50 -4.16 -7.44
N GLY B 226 29.67 -4.56 -6.48
CA GLY B 226 29.59 -5.93 -6.07
C GLY B 226 28.18 -6.32 -5.71
N PRO B 227 27.93 -7.61 -5.53
CA PRO B 227 26.60 -8.05 -5.12
C PRO B 227 26.29 -7.55 -3.71
N HIS B 228 25.01 -7.24 -3.50
CA HIS B 228 24.57 -6.76 -2.20
C HIS B 228 23.08 -7.07 -2.07
N LYS B 229 22.53 -6.77 -0.88
CA LYS B 229 21.17 -7.15 -0.52
C LYS B 229 20.25 -5.96 -0.33
N LEU B 230 20.74 -4.74 -0.56
CA LEU B 230 19.95 -3.53 -0.36
C LEU B 230 19.15 -3.26 -1.64
N GLN B 231 18.06 -4.02 -1.81
CA GLN B 231 17.27 -3.94 -3.03
C GLN B 231 16.80 -2.51 -3.30
N GLY B 232 16.97 -2.06 -4.54
CA GLY B 232 16.68 -0.69 -4.92
C GLY B 232 17.88 0.24 -4.87
N LEU B 233 18.89 -0.11 -4.08
CA LEU B 233 20.11 0.70 -3.96
C LEU B 233 21.23 0.04 -4.75
N GLY B 234 22.39 0.70 -4.76
CA GLY B 234 23.60 0.15 -5.34
C GLY B 234 23.46 -0.36 -6.76
N ALA B 235 23.25 0.56 -7.70
CA ALA B 235 23.04 0.17 -9.09
C ALA B 235 24.28 -0.46 -9.71
N GLY B 236 25.44 -0.32 -9.08
CA GLY B 236 26.68 -0.83 -9.64
C GLY B 236 27.39 0.14 -10.55
N PHE B 237 26.82 1.31 -10.78
CA PHE B 237 27.42 2.37 -11.57
C PHE B 237 26.91 3.69 -11.02
N ILE B 238 27.47 4.79 -11.54
CA ILE B 238 27.05 6.13 -11.16
C ILE B 238 26.01 6.58 -12.17
N PRO B 239 24.73 6.64 -11.82
CA PRO B 239 23.69 6.92 -12.82
C PRO B 239 23.77 8.34 -13.35
N GLY B 240 23.40 8.50 -14.62
CA GLY B 240 23.34 9.83 -15.20
C GLY B 240 22.36 10.73 -14.48
N THR B 241 21.31 10.16 -13.89
CA THR B 241 20.30 10.92 -13.16
C THR B 241 20.75 11.38 -11.78
N LEU B 242 21.87 10.89 -11.27
CA LEU B 242 22.40 11.34 -9.99
C LEU B 242 23.29 12.57 -10.21
N ASN B 243 22.96 13.65 -9.51
CA ASN B 243 23.81 14.84 -9.55
C ASN B 243 24.99 14.59 -8.61
N THR B 244 26.15 14.31 -9.18
CA THR B 244 27.32 13.92 -8.39
C THR B 244 27.89 15.06 -7.55
N GLU B 245 27.32 16.27 -7.61
CA GLU B 245 27.72 17.36 -6.74
C GLU B 245 26.74 17.65 -5.61
N ILE B 246 25.58 16.99 -5.57
CA ILE B 246 24.53 17.43 -4.66
C ILE B 246 24.84 17.02 -3.22
N TYR B 247 25.46 15.87 -3.01
CA TYR B 247 25.62 15.35 -1.66
C TYR B 247 26.94 15.80 -1.03
N ASP B 248 26.85 16.22 0.22
CA ASP B 248 28.00 16.67 1.00
C ASP B 248 28.82 15.53 1.56
N SER B 249 28.24 14.34 1.69
CA SER B 249 28.90 13.20 2.33
C SER B 249 28.12 11.94 1.99
N ILE B 250 28.74 10.79 2.28
CA ILE B 250 28.22 9.47 1.91
C ILE B 250 28.25 8.59 3.15
N ILE B 251 27.17 7.85 3.38
CA ILE B 251 27.13 6.84 4.44
C ILE B 251 26.94 5.47 3.81
N LYS B 252 27.85 4.55 4.13
CA LYS B 252 27.77 3.17 3.66
C LYS B 252 27.04 2.33 4.71
N VAL B 253 26.16 1.44 4.26
CA VAL B 253 25.36 0.60 5.14
C VAL B 253 25.51 -0.86 4.73
N GLY B 254 25.76 -1.73 5.71
CA GLY B 254 25.90 -3.14 5.43
C GLY B 254 24.57 -3.87 5.30
N ASN B 255 24.63 -5.07 4.73
CA ASN B 255 23.42 -5.84 4.47
C ASN B 255 22.67 -6.16 5.76
N ASP B 256 23.34 -6.80 6.72
CA ASP B 256 22.69 -7.17 7.96
C ASP B 256 22.23 -5.96 8.76
N THR B 257 22.97 -4.87 8.68
CA THR B 257 22.63 -3.67 9.44
C THR B 257 21.28 -3.11 9.00
N ALA B 258 21.06 -3.02 7.69
CA ALA B 258 19.80 -2.49 7.19
C ALA B 258 18.65 -3.43 7.52
N MET B 259 18.86 -4.74 7.35
CA MET B 259 17.82 -5.71 7.67
C MET B 259 17.39 -5.61 9.12
N GLU B 260 18.35 -5.54 10.04
CA GLU B 260 18.01 -5.48 11.46
C GLU B 260 17.27 -4.18 11.78
N MET B 261 17.62 -3.08 11.12
CA MET B 261 16.88 -1.85 11.36
C MET B 261 15.45 -1.93 10.83
N SER B 262 15.25 -2.56 9.66
CA SER B 262 13.90 -2.71 9.15
C SER B 262 13.03 -3.52 10.10
N ARG B 263 13.60 -4.56 10.72
CA ARG B 263 12.82 -5.36 11.65
C ARG B 263 12.54 -4.60 12.94
N ARG B 264 13.50 -3.81 13.41
CA ARG B 264 13.26 -2.98 14.58
C ARG B 264 12.14 -1.98 14.33
N VAL B 265 12.17 -1.30 13.18
CA VAL B 265 11.17 -0.28 12.89
C VAL B 265 9.78 -0.91 12.76
N ALA B 266 9.70 -2.08 12.14
CA ALA B 266 8.40 -2.74 11.99
C ALA B 266 7.80 -3.09 13.35
N LYS B 267 8.61 -3.62 14.27
CA LYS B 267 8.10 -4.04 15.57
C LYS B 267 7.90 -2.88 16.53
N GLU B 268 8.77 -1.86 16.48
CA GLU B 268 8.75 -0.81 17.49
C GLU B 268 8.06 0.47 17.04
N GLU B 269 8.00 0.74 15.73
CA GLU B 269 7.26 1.89 15.24
C GLU B 269 5.97 1.51 14.52
N GLY B 270 5.77 0.23 14.22
CA GLY B 270 4.64 -0.17 13.40
C GLY B 270 4.76 0.26 11.96
N ILE B 271 5.98 0.55 11.50
CA ILE B 271 6.24 0.99 10.13
C ILE B 271 6.98 -0.14 9.43
N LEU B 272 6.29 -0.81 8.51
CA LEU B 272 6.80 -2.01 7.86
C LEU B 272 7.29 -1.65 6.46
N ALA B 273 8.60 -1.49 6.31
CA ALA B 273 9.18 -0.98 5.08
C ALA B 273 10.26 -1.93 4.57
N GLY B 274 10.70 -1.68 3.33
CA GLY B 274 11.69 -2.52 2.68
C GLY B 274 13.08 -2.32 3.26
N ILE B 275 14.03 -3.09 2.71
CA ILE B 275 15.36 -3.09 3.32
C ILE B 275 16.08 -1.77 3.02
N SER B 276 15.83 -1.14 1.88
CA SER B 276 16.44 0.16 1.62
C SER B 276 15.96 1.21 2.63
N SER B 277 14.74 1.04 3.15
CA SER B 277 14.25 1.96 4.18
C SER B 277 14.97 1.74 5.50
N GLY B 278 15.27 0.49 5.83
CA GLY B 278 16.05 0.22 7.03
C GLY B 278 17.45 0.80 6.93
N ALA B 279 18.03 0.75 5.72
CA ALA B 279 19.33 1.36 5.50
C ALA B 279 19.27 2.87 5.66
N ALA B 280 18.23 3.50 5.10
CA ALA B 280 18.08 4.94 5.22
C ALA B 280 17.79 5.35 6.66
N ILE B 281 17.03 4.54 7.39
CA ILE B 281 16.73 4.87 8.78
C ILE B 281 17.96 4.67 9.66
N TYR B 282 18.72 3.59 9.41
CA TYR B 282 19.96 3.38 10.15
C TYR B 282 20.90 4.56 9.96
N ALA B 283 21.13 4.96 8.71
CA ALA B 283 22.01 6.10 8.44
C ALA B 283 21.45 7.37 9.07
N ALA B 284 20.13 7.54 9.03
CA ALA B 284 19.52 8.74 9.59
C ALA B 284 19.69 8.78 11.11
N ILE B 285 19.58 7.63 11.77
CA ILE B 285 19.80 7.62 13.23
C ILE B 285 21.26 7.88 13.55
N GLN B 286 22.17 7.29 12.79
CA GLN B 286 23.59 7.59 12.96
C GLN B 286 23.83 9.07 12.85
N LYS B 287 23.32 9.68 11.77
CA LYS B 287 23.42 11.13 11.61
C LYS B 287 22.74 11.84 12.78
N ALA B 288 21.60 11.30 13.25
CA ALA B 288 20.89 11.91 14.37
C ALA B 288 21.70 11.87 15.66
N LYS B 289 22.55 10.87 15.82
CA LYS B 289 23.32 10.77 17.05
C LYS B 289 24.44 11.79 17.12
N GLU B 290 25.12 12.09 16.00
CA GLU B 290 26.27 12.97 16.13
C GLU B 290 25.87 14.43 16.31
N LEU B 291 24.66 14.84 15.89
CA LEU B 291 24.40 16.27 15.84
C LEU B 291 23.45 16.70 16.96
N GLY B 292 22.79 15.74 17.60
CA GLY B 292 22.30 15.93 18.96
C GLY B 292 20.83 16.33 19.03
N LYS B 293 20.34 16.35 20.26
CA LYS B 293 18.99 16.81 20.57
C LYS B 293 18.71 18.16 19.91
N GLY B 294 17.45 18.33 19.48
CA GLY B 294 16.99 19.60 18.95
C GLY B 294 17.10 19.73 17.44
N LYS B 295 18.02 19.01 16.81
CA LYS B 295 18.16 19.06 15.37
C LYS B 295 17.10 18.17 14.71
N THR B 296 17.04 18.26 13.38
CA THR B 296 16.00 17.59 12.60
C THR B 296 16.63 16.91 11.40
N VAL B 297 16.49 15.58 11.33
CA VAL B 297 16.95 14.81 10.19
C VAL B 297 15.74 14.17 9.53
N VAL B 298 15.76 14.10 8.20
CA VAL B 298 14.64 13.65 7.39
C VAL B 298 15.17 12.66 6.36
N THR B 299 14.43 11.58 6.15
CA THR B 299 14.80 10.65 5.09
C THR B 299 13.53 10.09 4.45
N VAL B 300 13.73 9.24 3.45
CA VAL B 300 12.67 8.74 2.59
C VAL B 300 12.62 7.22 2.71
N LEU B 301 11.42 6.67 2.86
CA LEU B 301 11.24 5.23 2.87
C LEU B 301 10.66 4.82 1.51
N PRO B 302 11.44 4.19 0.65
CA PRO B 302 11.01 4.04 -0.75
C PRO B 302 9.94 2.99 -0.99
N SER B 303 9.87 1.92 -0.22
CA SER B 303 8.96 0.82 -0.52
C SER B 303 8.46 0.18 0.77
N ASN B 304 7.46 -0.68 0.63
CA ASN B 304 6.80 -1.30 1.76
C ASN B 304 7.36 -2.70 2.00
N GLY B 305 7.43 -3.09 3.28
CA GLY B 305 7.96 -4.39 3.64
C GLY B 305 7.18 -5.56 3.09
N GLU B 306 5.89 -5.36 2.80
CA GLU B 306 5.09 -6.47 2.28
C GLU B 306 5.52 -6.91 0.90
N ARG B 307 6.23 -6.06 0.16
CA ARG B 307 6.73 -6.41 -1.16
C ARG B 307 7.88 -7.41 -1.11
N TYR B 308 8.45 -7.65 0.07
CA TYR B 308 9.67 -8.44 0.22
C TYR B 308 9.46 -9.58 1.21
N LEU B 309 8.23 -10.11 1.27
CA LEU B 309 7.93 -11.19 2.19
C LEU B 309 8.67 -12.47 1.84
N SER B 310 8.98 -12.67 0.56
CA SER B 310 9.66 -13.87 0.07
C SER B 310 11.18 -13.77 0.18
N THR B 311 11.71 -12.67 0.67
CA THR B 311 13.14 -12.45 0.86
C THR B 311 13.52 -12.73 2.31
N PRO B 312 14.83 -12.85 2.61
CA PRO B 312 15.23 -13.09 4.01
C PRO B 312 14.90 -11.94 4.95
N LEU B 313 14.50 -10.77 4.42
CA LEU B 313 14.23 -9.61 5.26
C LEU B 313 13.27 -9.93 6.40
N TYR B 314 12.21 -10.68 6.12
CA TYR B 314 11.17 -10.94 7.12
C TYR B 314 10.88 -12.43 7.28
N SER B 315 11.85 -13.30 7.06
CA SER B 315 11.64 -14.71 7.39
C SER B 315 12.32 -15.05 8.72
#